data_6HVF
#
_entry.id   6HVF
#
_cell.length_a   42.170
_cell.length_b   62.970
_cell.length_c   74.540
_cell.angle_alpha   100.23
_cell.angle_beta   91.64
_cell.angle_gamma   90.03
#
_symmetry.space_group_name_H-M   'P 1'
#
loop_
_entity.id
_entity.type
_entity.pdbx_description
1 polymer 'Proto-oncogene tyrosine-protein kinase Src'
2 non-polymer ~{N}-[3-[3-ethyl-6-[4-(4-methylpiperazin-1-yl)phenyl]-4-oxidanylidene-7~{H}-pyrrolo[2,3-d]pyrimidin-5-yl]phenyl]prop-2-enamide
3 non-polymer 1,2-ETHANEDIOL
4 water water
#
_entity_poly.entity_id   1
_entity_poly.type   'polypeptide(L)'
_entity_poly.pdbx_seq_one_letter_code
;GHMQTQGLAKDAWEIPRESLRLEVKLGQGCFGEVWMGTWNGTTRVAIKTLKPGTMSPEAFLQEAQVMKKLRHEKLVQLYA
VVSEEPIYIVMEYMSKGCLLDFLKGEMGKYLRLPQLVDMAAQIASGMAYVERMNYVHRDLRAANILVGENLVCKVADFGL
ARLIEDNEYTARQGAKFPIKWTAPEAALYGRFTIKSDVWSFGILLTELTTKGRVPYPGMVNREVLDQVERGYRMPCPPEC
PESLHDLMCQCWRKDPEERPTFEYLQAFLEDYFTSTEPQYQPGENL
;
_entity_poly.pdbx_strand_id   A,B
#
# COMPACT_ATOMS: atom_id res chain seq x y z
N LYS A 10 -29.73 29.64 11.81
CA LYS A 10 -30.14 28.62 12.78
C LYS A 10 -28.93 28.06 13.55
N ASP A 11 -27.79 27.90 12.88
CA ASP A 11 -26.60 27.39 13.53
C ASP A 11 -25.37 28.12 13.02
N ALA A 12 -24.21 27.77 13.59
CA ALA A 12 -22.96 28.49 13.42
C ALA A 12 -22.36 28.34 12.02
N TRP A 13 -23.01 27.62 11.11
CA TRP A 13 -22.59 27.61 9.71
C TRP A 13 -23.28 28.70 8.90
N GLU A 14 -24.09 29.53 9.54
CA GLU A 14 -24.85 30.56 8.85
C GLU A 14 -23.96 31.74 8.51
N ILE A 15 -24.25 32.38 7.37
CA ILE A 15 -23.56 33.60 6.96
C ILE A 15 -24.56 34.52 6.26
N PRO A 16 -24.25 35.82 6.20
CA PRO A 16 -25.10 36.73 5.43
C PRO A 16 -24.96 36.49 3.94
N ARG A 17 -26.09 36.49 3.24
CA ARG A 17 -26.04 36.27 1.79
C ARG A 17 -25.27 37.38 1.10
N GLU A 18 -25.45 38.63 1.55
CA GLU A 18 -24.77 39.76 0.92
C GLU A 18 -23.26 39.60 0.90
N SER A 19 -22.71 38.72 1.73
CA SER A 19 -21.27 38.47 1.76
C SER A 19 -20.81 37.60 0.60
N LEU A 20 -21.72 37.14 -0.26
CA LEU A 20 -21.39 36.27 -1.38
C LEU A 20 -21.59 37.02 -2.69
N ARG A 21 -20.69 36.79 -3.65
CA ARG A 21 -20.79 37.36 -4.98
C ARG A 21 -20.67 36.25 -6.01
N LEU A 22 -21.72 36.03 -6.78
CA LEU A 22 -21.76 34.97 -7.78
C LEU A 22 -21.22 35.51 -9.10
N GLU A 23 -20.17 34.90 -9.62
CA GLU A 23 -19.43 35.43 -10.76
C GLU A 23 -19.66 34.65 -12.04
N VAL A 24 -19.51 33.33 -12.01
CA VAL A 24 -19.60 32.49 -13.19
C VAL A 24 -20.48 31.28 -12.87
N LYS A 25 -21.33 30.91 -13.82
CA LYS A 25 -22.14 29.71 -13.66
C LYS A 25 -21.34 28.51 -14.14
N LEU A 26 -21.35 27.43 -13.36
CA LEU A 26 -20.56 26.24 -13.63
C LEU A 26 -21.39 25.05 -14.12
N GLY A 27 -22.56 24.82 -13.55
CA GLY A 27 -23.36 23.68 -13.93
C GLY A 27 -24.82 23.84 -13.57
N GLN A 28 -25.63 22.93 -14.09
CA GLN A 28 -27.06 22.93 -13.84
C GLN A 28 -27.54 21.50 -13.62
N GLY A 29 -28.73 21.39 -13.04
CA GLY A 29 -29.32 20.10 -12.76
C GLY A 29 -30.83 20.15 -12.61
N GLY A 32 -30.82 22.34 -8.96
CA GLY A 32 -30.32 23.68 -8.81
C GLY A 32 -29.17 24.01 -9.74
N GLU A 33 -28.29 24.92 -9.31
CA GLU A 33 -27.13 25.31 -10.09
C GLU A 33 -25.93 25.44 -9.16
N VAL A 34 -24.74 25.46 -9.76
CA VAL A 34 -23.49 25.65 -9.04
C VAL A 34 -22.75 26.83 -9.65
N TRP A 35 -22.31 27.76 -8.80
CA TRP A 35 -21.67 28.99 -9.24
C TRP A 35 -20.30 29.12 -8.60
N MET A 36 -19.40 29.79 -9.32
CA MET A 36 -18.14 30.24 -8.76
C MET A 36 -18.27 31.70 -8.35
N GLY A 37 -17.79 32.02 -7.16
CA GLY A 37 -17.92 33.37 -6.66
C GLY A 37 -16.86 33.69 -5.65
N THR A 38 -17.11 34.75 -4.88
CA THR A 38 -16.19 35.22 -3.86
C THR A 38 -16.93 35.36 -2.54
N TRP A 39 -16.35 34.82 -1.47
CA TRP A 39 -16.91 34.91 -0.13
C TRP A 39 -16.26 36.07 0.59
N ASN A 40 -17.08 36.97 1.14
CA ASN A 40 -16.60 38.25 1.65
C ASN A 40 -15.87 38.90 0.49
N GLY A 41 -14.59 39.29 0.63
CA GLY A 41 -13.89 39.85 -0.50
C GLY A 41 -12.56 39.18 -0.77
N THR A 42 -12.29 38.05 -0.13
CA THR A 42 -10.97 37.45 -0.15
C THR A 42 -10.92 35.99 -0.60
N THR A 43 -12.01 35.22 -0.46
CA THR A 43 -11.96 33.77 -0.65
C THR A 43 -12.83 33.37 -1.82
N ARG A 44 -12.21 32.67 -2.79
CA ARG A 44 -12.93 32.11 -3.91
C ARG A 44 -13.68 30.85 -3.45
N VAL A 45 -14.95 30.74 -3.82
CA VAL A 45 -15.79 29.65 -3.36
C VAL A 45 -16.66 29.13 -4.50
N ALA A 46 -17.20 27.93 -4.28
CA ALA A 46 -18.23 27.35 -5.14
C ALA A 46 -19.55 27.37 -4.38
N ILE A 47 -20.62 27.80 -5.04
CA ILE A 47 -21.90 28.05 -4.39
C ILE A 47 -22.96 27.21 -5.09
N LYS A 48 -23.51 26.23 -4.38
CA LYS A 48 -24.62 25.44 -4.88
C LYS A 48 -25.93 26.10 -4.44
N THR A 49 -26.81 26.34 -5.41
CA THR A 49 -28.06 27.05 -5.16
C THR A 49 -29.19 26.10 -4.79
N PHE A 60 -32.41 19.06 0.49
CA PHE A 60 -31.17 19.72 0.08
C PHE A 60 -30.21 19.87 1.27
N LEU A 61 -30.78 20.06 2.46
CA LEU A 61 -29.97 20.27 3.65
C LEU A 61 -29.17 19.03 4.02
N GLN A 62 -29.66 17.84 3.67
CA GLN A 62 -29.00 16.62 4.10
C GLN A 62 -27.53 16.58 3.68
N GLU A 63 -27.22 17.09 2.48
CA GLU A 63 -25.83 17.09 2.03
C GLU A 63 -24.96 17.95 2.94
N ALA A 64 -25.45 19.14 3.29
CA ALA A 64 -24.69 20.01 4.17
C ALA A 64 -24.56 19.40 5.56
N GLN A 65 -25.66 18.86 6.10
CA GLN A 65 -25.60 18.26 7.43
C GLN A 65 -24.55 17.16 7.50
N VAL A 66 -24.42 16.38 6.42
CA VAL A 66 -23.40 15.34 6.38
C VAL A 66 -22.01 15.95 6.40
N MET A 67 -21.79 17.00 5.61
CA MET A 67 -20.47 17.64 5.54
CA MET A 67 -20.47 17.62 5.55
C MET A 67 -20.12 18.34 6.85
N LYS A 68 -21.11 18.85 7.56
CA LYS A 68 -20.84 19.55 8.81
C LYS A 68 -20.02 18.70 9.76
N LYS A 69 -20.18 17.38 9.70
CA LYS A 69 -19.45 16.48 10.59
C LYS A 69 -18.16 15.92 9.99
N LEU A 70 -17.89 16.20 8.72
CA LEU A 70 -16.72 15.66 8.04
C LEU A 70 -15.77 16.78 7.68
N ARG A 71 -14.52 16.68 8.16
CA ARG A 71 -13.47 17.64 7.84
C ARG A 71 -12.19 16.86 7.55
N HIS A 72 -11.81 16.80 6.28
CA HIS A 72 -10.62 16.08 5.86
C HIS A 72 -10.04 16.75 4.61
N GLU A 73 -8.71 16.69 4.50
CA GLU A 73 -8.01 17.35 3.40
C GLU A 73 -8.44 16.83 2.03
N LYS A 74 -8.95 15.59 1.95
CA LYS A 74 -9.32 15.00 0.67
C LYS A 74 -10.83 14.91 0.48
N LEU A 75 -11.59 15.75 1.20
CA LEU A 75 -13.02 15.90 1.01
C LEU A 75 -13.31 17.37 0.76
N VAL A 76 -14.08 17.66 -0.28
CA VAL A 76 -14.43 19.04 -0.57
C VAL A 76 -15.08 19.64 0.67
N GLN A 77 -14.50 20.73 1.17
CA GLN A 77 -14.87 21.26 2.47
C GLN A 77 -16.11 22.14 2.37
N LEU A 78 -17.03 21.94 3.31
CA LEU A 78 -18.14 22.87 3.49
C LEU A 78 -17.65 24.14 4.18
N TYR A 79 -17.98 25.29 3.60
CA TYR A 79 -17.60 26.58 4.16
C TYR A 79 -18.72 27.21 4.99
N ALA A 80 -19.89 27.41 4.39
CA ALA A 80 -20.98 28.11 5.05
C ALA A 80 -22.29 27.66 4.43
N VAL A 81 -23.39 28.16 4.99
CA VAL A 81 -24.73 27.83 4.50
C VAL A 81 -25.65 29.03 4.73
N VAL A 82 -26.58 29.22 3.80
CA VAL A 82 -27.64 30.21 3.92
C VAL A 82 -28.96 29.47 3.89
N SER A 83 -29.70 29.54 4.99
CA SER A 83 -30.89 28.72 5.16
C SER A 83 -32.17 29.39 4.67
N GLU A 84 -32.16 30.69 4.46
CA GLU A 84 -33.33 31.40 3.96
C GLU A 84 -33.33 31.40 2.43
N GLU A 85 -34.43 30.96 1.85
CA GLU A 85 -34.53 30.89 0.38
C GLU A 85 -34.24 32.25 -0.24
N PRO A 86 -33.46 32.25 -1.34
CA PRO A 86 -32.87 31.06 -1.95
C PRO A 86 -31.77 30.44 -1.09
N ILE A 87 -31.75 29.11 -1.01
CA ILE A 87 -30.79 28.41 -0.17
C ILE A 87 -29.47 28.28 -0.91
N TYR A 88 -28.37 28.56 -0.21
CA TYR A 88 -27.03 28.42 -0.76
C TYR A 88 -26.22 27.46 0.12
N ILE A 89 -25.28 26.77 -0.51
CA ILE A 89 -24.29 25.96 0.19
C ILE A 89 -22.92 26.37 -0.34
N VAL A 90 -22.17 27.10 0.48
CA VAL A 90 -20.85 27.61 0.09
C VAL A 90 -19.82 26.52 0.37
N MET A 91 -18.98 26.24 -0.62
CA MET A 91 -18.03 25.13 -0.53
C MET A 91 -16.68 25.55 -1.09
N GLU A 92 -15.69 24.70 -0.81
CA GLU A 92 -14.36 24.86 -1.39
C GLU A 92 -14.42 24.75 -2.91
N TYR A 93 -13.70 25.63 -3.58
CA TYR A 93 -13.68 25.66 -5.04
C TYR A 93 -12.56 24.78 -5.56
N MET A 94 -12.89 23.84 -6.44
CA MET A 94 -11.92 22.96 -7.08
C MET A 94 -11.77 23.40 -8.53
N SER A 95 -10.58 23.89 -8.88
CA SER A 95 -10.41 24.67 -10.10
C SER A 95 -10.52 23.85 -11.38
N LYS A 96 -10.35 22.53 -11.32
CA LYS A 96 -10.23 21.73 -12.53
C LYS A 96 -11.47 20.92 -12.88
N GLY A 97 -12.57 21.05 -12.13
CA GLY A 97 -13.77 20.31 -12.45
C GLY A 97 -13.71 18.88 -11.95
N CYS A 98 -14.62 18.06 -12.49
CA CYS A 98 -14.75 16.68 -12.04
C CYS A 98 -13.71 15.79 -12.70
N LEU A 99 -13.36 14.71 -11.99
CA LEU A 99 -12.30 13.82 -12.45
C LEU A 99 -12.66 13.18 -13.79
N LEU A 100 -13.91 12.76 -13.94
CA LEU A 100 -14.36 12.17 -15.20
C LEU A 100 -13.97 13.07 -16.39
N ASP A 101 -14.39 14.34 -16.35
CA ASP A 101 -14.08 15.24 -17.45
C ASP A 101 -12.58 15.51 -17.56
N PHE A 102 -11.87 15.54 -16.43
CA PHE A 102 -10.42 15.71 -16.46
C PHE A 102 -9.76 14.57 -17.22
N LEU A 103 -10.09 13.33 -16.88
CA LEU A 103 -9.51 12.17 -17.54
C LEU A 103 -9.81 12.17 -19.04
N LYS A 104 -11.05 12.54 -19.41
CA LYS A 104 -11.51 12.47 -20.80
C LYS A 104 -11.04 13.64 -21.65
N GLY A 105 -10.46 14.68 -21.05
CA GLY A 105 -10.03 15.86 -21.78
C GLY A 105 -8.59 15.77 -22.23
N GLU A 106 -8.00 16.94 -22.47
CA GLU A 106 -6.63 16.98 -22.99
C GLU A 106 -5.65 16.29 -22.06
N MET A 107 -5.90 16.29 -20.74
CA MET A 107 -4.94 15.73 -19.81
C MET A 107 -4.81 14.22 -19.98
N GLY A 108 -5.92 13.54 -20.20
CA GLY A 108 -5.92 12.08 -20.18
C GLY A 108 -4.79 11.46 -20.98
N LYS A 109 -4.52 11.99 -22.17
CA LYS A 109 -3.49 11.39 -23.01
C LYS A 109 -2.10 11.47 -22.38
N TYR A 110 -1.89 12.40 -21.44
CA TYR A 110 -0.56 12.55 -20.85
C TYR A 110 -0.43 11.88 -19.49
N LEU A 111 -1.54 11.60 -18.80
CA LEU A 111 -1.47 10.90 -17.53
C LEU A 111 -0.96 9.48 -17.73
N ARG A 112 -0.06 9.06 -16.84
CA ARG A 112 0.44 7.70 -16.81
CA ARG A 112 0.45 7.70 -16.80
C ARG A 112 0.16 7.09 -15.43
N LEU A 113 0.49 5.80 -15.31
CA LEU A 113 0.17 5.06 -14.08
C LEU A 113 0.61 5.76 -12.80
N PRO A 114 1.79 6.35 -12.69
CA PRO A 114 2.14 7.01 -11.41
C PRO A 114 1.16 8.09 -11.02
N GLN A 115 0.72 8.92 -11.97
CA GLN A 115 -0.23 9.98 -11.65
C GLN A 115 -1.60 9.41 -11.29
N LEU A 116 -2.06 8.38 -12.02
CA LEU A 116 -3.38 7.83 -11.76
C LEU A 116 -3.42 7.08 -10.42
N VAL A 117 -2.36 6.36 -10.09
CA VAL A 117 -2.31 5.68 -8.80
C VAL A 117 -2.27 6.68 -7.65
N ASP A 118 -1.52 7.77 -7.80
CA ASP A 118 -1.51 8.80 -6.78
C ASP A 118 -2.89 9.40 -6.61
N MET A 119 -3.56 9.72 -7.73
CA MET A 119 -4.91 10.24 -7.65
C MET A 119 -5.83 9.27 -6.91
N ALA A 120 -5.75 7.99 -7.26
CA ALA A 120 -6.55 6.99 -6.55
C ALA A 120 -6.17 6.96 -5.06
N ALA A 121 -4.89 7.17 -4.75
CA ALA A 121 -4.47 7.18 -3.35
C ALA A 121 -5.15 8.30 -2.57
N GLN A 122 -5.26 9.49 -3.17
CA GLN A 122 -5.93 10.60 -2.50
C GLN A 122 -7.40 10.26 -2.24
N ILE A 123 -8.06 9.66 -3.24
CA ILE A 123 -9.46 9.31 -3.11
C ILE A 123 -9.66 8.30 -1.97
N ALA A 124 -8.76 7.32 -1.87
CA ALA A 124 -8.85 6.34 -0.80
C ALA A 124 -8.58 6.97 0.56
N SER A 125 -7.70 7.98 0.60
CA SER A 125 -7.45 8.69 1.84
C SER A 125 -8.71 9.40 2.34
N GLY A 126 -9.42 10.06 1.43
CA GLY A 126 -10.69 10.66 1.81
C GLY A 126 -11.72 9.63 2.23
N MET A 127 -11.80 8.51 1.51
CA MET A 127 -12.75 7.47 1.88
C MET A 127 -12.33 6.75 3.15
N ALA A 128 -11.02 6.62 3.39
CA ALA A 128 -10.57 6.07 4.66
C ALA A 128 -11.03 6.91 5.84
N TYR A 129 -11.08 8.24 5.66
CA TYR A 129 -11.62 9.09 6.71
C TYR A 129 -13.12 8.85 6.87
N VAL A 130 -13.86 8.84 5.76
CA VAL A 130 -15.28 8.50 5.80
C VAL A 130 -15.49 7.19 6.54
N GLU A 131 -14.64 6.20 6.24
CA GLU A 131 -14.72 4.90 6.91
C GLU A 131 -14.55 5.03 8.41
N ARG A 132 -13.53 5.78 8.85
CA ARG A 132 -13.30 5.96 10.29
C ARG A 132 -14.48 6.65 10.97
N MET A 133 -15.15 7.56 10.28
CA MET A 133 -16.30 8.25 10.85
C MET A 133 -17.57 7.43 10.76
N ASN A 134 -17.51 6.22 10.21
CA ASN A 134 -18.67 5.34 10.09
CA ASN A 134 -18.67 5.34 10.09
C ASN A 134 -19.77 5.98 9.25
N TYR A 135 -19.38 6.59 8.14
CA TYR A 135 -20.29 7.13 7.15
C TYR A 135 -20.21 6.27 5.89
N VAL A 136 -21.19 6.46 5.01
CA VAL A 136 -21.21 5.82 3.70
C VAL A 136 -21.43 6.89 2.65
N HIS A 137 -20.73 6.78 1.53
CA HIS A 137 -20.88 7.78 0.46
C HIS A 137 -22.09 7.45 -0.41
N ARG A 138 -22.09 6.28 -1.04
CA ARG A 138 -23.20 5.67 -1.78
C ARG A 138 -23.18 5.99 -3.26
N ASP A 139 -22.38 6.96 -3.71
CA ASP A 139 -22.32 7.28 -5.13
C ASP A 139 -20.89 7.70 -5.49
N LEU A 140 -19.93 6.83 -5.15
CA LEU A 140 -18.53 7.06 -5.47
C LEU A 140 -18.22 6.66 -6.91
N ARG A 141 -17.63 7.59 -7.67
CA ARG A 141 -17.26 7.39 -9.06
C ARG A 141 -16.60 8.66 -9.55
N ALA A 142 -15.90 8.56 -10.69
CA ALA A 142 -15.05 9.66 -11.15
C ALA A 142 -15.82 10.97 -11.28
N ALA A 143 -17.10 10.92 -11.64
CA ALA A 143 -17.90 12.12 -11.82
C ALA A 143 -18.18 12.84 -10.50
N ASN A 144 -17.94 12.19 -9.35
CA ASN A 144 -18.14 12.79 -8.04
C ASN A 144 -16.82 12.99 -7.29
N ILE A 145 -15.69 12.91 -7.99
CA ILE A 145 -14.42 13.41 -7.49
C ILE A 145 -14.14 14.73 -8.19
N LEU A 146 -13.62 15.70 -7.44
CA LEU A 146 -13.25 17.00 -8.00
C LEU A 146 -11.73 17.14 -7.98
N VAL A 147 -11.21 17.86 -8.98
CA VAL A 147 -9.78 17.99 -9.19
C VAL A 147 -9.39 19.45 -9.01
N GLY A 148 -8.23 19.68 -8.39
CA GLY A 148 -7.70 21.02 -8.21
C GLY A 148 -6.36 21.19 -8.89
N GLU A 149 -5.55 22.12 -8.39
CA GLU A 149 -4.21 22.27 -8.93
C GLU A 149 -3.31 21.14 -8.45
N ASN A 150 -2.25 20.88 -9.22
CA ASN A 150 -1.22 19.92 -8.84
C ASN A 150 -1.77 18.50 -8.71
N LEU A 151 -2.87 18.21 -9.41
CA LEU A 151 -3.50 16.89 -9.43
C LEU A 151 -4.12 16.52 -8.09
N VAL A 152 -4.52 17.53 -7.30
CA VAL A 152 -5.26 17.26 -6.08
C VAL A 152 -6.65 16.77 -6.42
N CYS A 153 -7.06 15.65 -5.82
CA CYS A 153 -8.36 15.05 -5.99
C CYS A 153 -9.08 15.01 -4.64
N LYS A 154 -10.38 15.28 -4.65
CA LYS A 154 -11.14 15.27 -3.41
C LYS A 154 -12.53 14.70 -3.64
N VAL A 155 -12.98 13.87 -2.68
CA VAL A 155 -14.31 13.27 -2.74
C VAL A 155 -15.36 14.36 -2.55
N ALA A 156 -16.42 14.29 -3.35
CA ALA A 156 -17.47 15.30 -3.32
C ALA A 156 -18.83 14.63 -3.43
N ASP A 157 -19.87 15.46 -3.50
CA ASP A 157 -21.25 15.02 -3.79
C ASP A 157 -21.74 13.96 -2.79
N PHE A 158 -21.69 14.31 -1.52
CA PHE A 158 -22.23 13.44 -0.48
C PHE A 158 -23.75 13.55 -0.41
N PRO A 178 -26.73 4.69 -11.40
CA PRO A 178 -25.33 4.27 -11.55
C PRO A 178 -25.13 2.80 -11.18
N ILE A 179 -25.93 1.94 -11.82
CA ILE A 179 -25.86 0.51 -11.54
C ILE A 179 -24.45 -0.03 -11.76
N LYS A 180 -23.77 0.48 -12.80
CA LYS A 180 -22.46 -0.07 -13.15
C LYS A 180 -21.42 0.18 -12.06
N TRP A 181 -21.65 1.15 -11.17
CA TRP A 181 -20.73 1.48 -10.09
C TRP A 181 -21.17 0.93 -8.74
N THR A 182 -22.34 0.30 -8.67
CA THR A 182 -22.94 -0.08 -7.40
C THR A 182 -22.72 -1.57 -7.14
N ALA A 183 -22.39 -1.91 -5.89
CA ALA A 183 -22.22 -3.29 -5.51
C ALA A 183 -23.55 -4.05 -5.66
N PRO A 184 -23.50 -5.35 -5.95
CA PRO A 184 -24.75 -6.10 -6.15
C PRO A 184 -25.68 -6.08 -4.95
N GLU A 185 -25.15 -6.24 -3.74
CA GLU A 185 -26.03 -6.31 -2.58
C GLU A 185 -26.71 -4.97 -2.31
N ALA A 186 -26.09 -3.87 -2.74
CA ALA A 186 -26.71 -2.55 -2.60
C ALA A 186 -27.71 -2.30 -3.73
N ALA A 187 -27.33 -2.66 -4.95
CA ALA A 187 -28.22 -2.48 -6.10
C ALA A 187 -29.43 -3.38 -6.02
N LEU A 188 -29.27 -4.60 -5.52
CA LEU A 188 -30.39 -5.53 -5.46
C LEU A 188 -31.20 -5.38 -4.18
N TYR A 189 -30.54 -5.16 -3.05
CA TYR A 189 -31.24 -5.21 -1.76
C TYR A 189 -31.08 -3.94 -0.93
N GLY A 190 -30.51 -2.87 -1.50
CA GLY A 190 -30.38 -1.63 -0.76
C GLY A 190 -29.42 -1.68 0.42
N ARG A 191 -28.54 -2.68 0.47
CA ARG A 191 -27.55 -2.79 1.54
C ARG A 191 -26.32 -1.96 1.16
N PHE A 192 -26.43 -0.66 1.44
CA PHE A 192 -25.32 0.27 1.24
C PHE A 192 -24.48 0.32 2.50
N THR A 193 -23.18 0.06 2.36
CA THR A 193 -22.25 0.16 3.48
C THR A 193 -20.93 0.70 2.96
N ILE A 194 -19.96 0.85 3.86
CA ILE A 194 -18.63 1.25 3.43
C ILE A 194 -18.05 0.19 2.50
N LYS A 195 -18.52 -1.06 2.60
CA LYS A 195 -18.05 -2.11 1.71
C LYS A 195 -18.66 -2.02 0.32
N SER A 196 -19.86 -1.45 0.19
CA SER A 196 -20.34 -1.16 -1.16
CA SER A 196 -20.38 -1.13 -1.15
C SER A 196 -19.58 -0.01 -1.78
N ASP A 197 -19.11 0.95 -0.96
CA ASP A 197 -18.23 2.01 -1.46
C ASP A 197 -16.92 1.42 -1.96
N VAL A 198 -16.40 0.40 -1.28
CA VAL A 198 -15.16 -0.23 -1.72
C VAL A 198 -15.35 -0.88 -3.09
N TRP A 199 -16.49 -1.56 -3.29
CA TRP A 199 -16.85 -2.05 -4.62
C TRP A 199 -16.80 -0.91 -5.62
N SER A 200 -17.46 0.21 -5.30
CA SER A 200 -17.47 1.36 -6.20
C SER A 200 -16.05 1.83 -6.47
N PHE A 201 -15.22 1.89 -5.43
CA PHE A 201 -13.83 2.28 -5.63
C PHE A 201 -13.14 1.39 -6.65
N GLY A 202 -13.42 0.09 -6.60
CA GLY A 202 -12.86 -0.82 -7.59
C GLY A 202 -13.24 -0.44 -9.01
N ILE A 203 -14.51 -0.11 -9.24
CA ILE A 203 -14.92 0.33 -10.57
C ILE A 203 -14.18 1.62 -10.94
N LEU A 204 -14.10 2.55 -10.00
CA LEU A 204 -13.43 3.83 -10.24
C LEU A 204 -11.97 3.62 -10.61
N LEU A 205 -11.35 2.56 -10.11
CA LEU A 205 -10.00 2.20 -10.56
C LEU A 205 -9.96 1.88 -12.05
N THR A 206 -11.05 1.32 -12.60
CA THR A 206 -11.07 1.06 -14.03
C THR A 206 -11.23 2.35 -14.81
N GLU A 207 -12.00 3.31 -14.28
CA GLU A 207 -12.08 4.62 -14.89
C GLU A 207 -10.71 5.28 -14.96
N LEU A 208 -9.95 5.22 -13.87
CA LEU A 208 -8.63 5.83 -13.88
C LEU A 208 -7.73 5.16 -14.92
N THR A 209 -7.69 3.83 -14.92
CA THR A 209 -6.73 3.15 -15.79
C THR A 209 -7.15 3.15 -17.26
N THR A 210 -8.44 3.34 -17.56
CA THR A 210 -8.90 3.58 -18.93
C THR A 210 -9.02 5.07 -19.24
N LYS A 211 -8.72 5.93 -18.27
CA LYS A 211 -8.77 7.38 -18.46
C LYS A 211 -10.16 7.84 -18.89
N GLY A 212 -11.17 7.32 -18.18
CA GLY A 212 -12.52 7.86 -18.26
C GLY A 212 -13.53 7.01 -18.97
N ARG A 213 -13.15 5.85 -19.52
CA ARG A 213 -14.11 5.03 -20.23
C ARG A 213 -15.19 4.50 -19.30
N VAL A 214 -16.38 4.30 -19.87
CA VAL A 214 -17.51 3.74 -19.12
C VAL A 214 -17.20 2.29 -18.76
N PRO A 215 -17.51 1.85 -17.53
CA PRO A 215 -17.30 0.44 -17.17
C PRO A 215 -18.16 -0.49 -18.02
N TYR A 216 -17.75 -1.75 -18.04
CA TYR A 216 -18.47 -2.80 -18.77
C TYR A 216 -18.77 -2.35 -20.20
N PRO A 217 -17.75 -2.03 -20.99
CA PRO A 217 -18.00 -1.45 -22.32
C PRO A 217 -18.86 -2.37 -23.19
N GLY A 218 -19.85 -1.76 -23.84
CA GLY A 218 -20.76 -2.48 -24.71
C GLY A 218 -21.91 -3.17 -24.02
N MET A 219 -21.99 -3.09 -22.69
CA MET A 219 -23.04 -3.74 -21.92
C MET A 219 -24.02 -2.71 -21.37
N VAL A 220 -25.30 -3.03 -21.44
CA VAL A 220 -26.33 -2.18 -20.85
C VAL A 220 -26.55 -2.60 -19.41
N ASN A 221 -27.21 -1.74 -18.65
CA ASN A 221 -27.39 -1.95 -17.21
C ASN A 221 -27.91 -3.35 -16.90
N ARG A 222 -28.96 -3.79 -17.60
CA ARG A 222 -29.58 -5.06 -17.25
C ARG A 222 -28.62 -6.23 -17.47
N GLU A 223 -27.77 -6.14 -18.49
CA GLU A 223 -26.80 -7.20 -18.77
C GLU A 223 -25.67 -7.22 -17.73
N VAL A 224 -25.25 -6.04 -17.26
CA VAL A 224 -24.25 -5.99 -16.20
C VAL A 224 -24.78 -6.65 -14.94
N LEU A 225 -26.02 -6.33 -14.56
CA LEU A 225 -26.58 -6.89 -13.34
C LEU A 225 -26.72 -8.40 -13.43
N ASP A 226 -27.19 -8.89 -14.58
CA ASP A 226 -27.33 -10.35 -14.74
C ASP A 226 -25.96 -11.03 -14.75
N GLN A 227 -24.97 -10.40 -15.40
CA GLN A 227 -23.67 -11.04 -15.56
C GLN A 227 -22.83 -10.96 -14.29
N VAL A 228 -22.90 -9.82 -13.59
CA VAL A 228 -22.14 -9.69 -12.35
C VAL A 228 -22.67 -10.65 -11.29
N GLU A 229 -23.98 -10.79 -11.19
CA GLU A 229 -24.55 -11.72 -10.22
C GLU A 229 -24.16 -13.15 -10.53
N ARG A 230 -23.86 -13.46 -11.79
CA ARG A 230 -23.39 -14.78 -12.17
C ARG A 230 -21.87 -14.94 -12.03
N GLY A 231 -21.18 -13.92 -11.54
CA GLY A 231 -19.76 -14.01 -11.25
C GLY A 231 -18.86 -13.20 -12.16
N TYR A 232 -19.39 -12.61 -13.22
CA TYR A 232 -18.55 -11.85 -14.14
C TYR A 232 -17.88 -10.67 -13.44
N ARG A 233 -16.61 -10.45 -13.75
CA ARG A 233 -15.90 -9.24 -13.35
C ARG A 233 -15.12 -8.73 -14.55
N MET A 234 -14.95 -7.41 -14.62
CA MET A 234 -14.23 -6.80 -15.73
C MET A 234 -12.79 -7.33 -15.79
N PRO A 235 -12.26 -7.57 -16.98
CA PRO A 235 -10.89 -8.07 -17.10
C PRO A 235 -9.88 -6.95 -16.87
N CYS A 236 -8.61 -7.34 -16.95
CA CYS A 236 -7.52 -6.39 -16.76
C CYS A 236 -7.50 -5.35 -17.89
N PRO A 237 -7.64 -4.06 -17.59
CA PRO A 237 -7.50 -3.03 -18.62
C PRO A 237 -6.17 -3.17 -19.35
N PRO A 238 -6.10 -2.73 -20.61
CA PRO A 238 -4.84 -2.79 -21.34
C PRO A 238 -3.75 -2.00 -20.65
N GLU A 239 -2.55 -2.58 -20.60
CA GLU A 239 -1.36 -1.99 -19.99
C GLU A 239 -1.46 -1.87 -18.47
N CYS A 240 -2.59 -2.23 -17.89
CA CYS A 240 -2.72 -2.21 -16.43
C CYS A 240 -2.01 -3.43 -15.82
N PRO A 241 -1.11 -3.24 -14.86
CA PRO A 241 -0.42 -4.38 -14.26
C PRO A 241 -1.39 -5.29 -13.53
N GLU A 242 -1.08 -6.58 -13.53
CA GLU A 242 -1.95 -7.55 -12.86
C GLU A 242 -2.17 -7.19 -11.40
N SER A 243 -1.13 -6.68 -10.73
CA SER A 243 -1.24 -6.37 -9.31
C SER A 243 -2.30 -5.31 -9.06
N LEU A 244 -2.48 -4.37 -9.99
CA LEU A 244 -3.56 -3.40 -9.81
C LEU A 244 -4.92 -4.02 -10.10
N HIS A 245 -5.01 -4.94 -11.06
CA HIS A 245 -6.29 -5.58 -11.33
C HIS A 245 -6.66 -6.54 -10.21
N ASP A 246 -5.67 -7.19 -9.60
CA ASP A 246 -5.96 -7.98 -8.41
CA ASP A 246 -5.94 -7.98 -8.40
C ASP A 246 -6.58 -7.11 -7.32
N LEU A 247 -6.11 -5.87 -7.17
CA LEU A 247 -6.72 -4.98 -6.19
C LEU A 247 -8.18 -4.71 -6.55
N MET A 248 -8.46 -4.49 -7.84
CA MET A 248 -9.84 -4.35 -8.30
C MET A 248 -10.68 -5.54 -7.88
N CYS A 249 -10.23 -6.74 -8.27
CA CYS A 249 -10.99 -7.95 -7.97
C CYS A 249 -11.23 -8.13 -6.48
N GLN A 250 -10.31 -7.65 -5.64
CA GLN A 250 -10.54 -7.71 -4.19
C GLN A 250 -11.67 -6.77 -3.79
N CYS A 251 -11.74 -5.59 -4.39
CA CYS A 251 -12.86 -4.69 -4.16
C CYS A 251 -14.17 -5.31 -4.65
N TRP A 252 -14.09 -6.29 -5.54
CA TRP A 252 -15.27 -6.90 -6.18
C TRP A 252 -15.61 -8.26 -5.62
N ARG A 253 -15.06 -8.63 -4.46
CA ARG A 253 -15.39 -9.91 -3.85
C ARG A 253 -16.89 -9.99 -3.57
N LYS A 254 -17.45 -11.20 -3.76
CA LYS A 254 -18.87 -11.42 -3.51
C LYS A 254 -19.23 -11.03 -2.08
N ASP A 255 -18.52 -11.59 -1.10
CA ASP A 255 -18.82 -11.29 0.30
C ASP A 255 -18.28 -9.92 0.68
N PRO A 256 -19.14 -8.98 1.08
CA PRO A 256 -18.66 -7.61 1.31
C PRO A 256 -17.66 -7.51 2.44
N GLU A 257 -17.77 -8.40 3.43
CA GLU A 257 -16.84 -8.33 4.56
CA GLU A 257 -16.86 -8.39 4.58
C GLU A 257 -15.44 -8.77 4.19
N GLU A 258 -15.27 -9.44 3.06
CA GLU A 258 -13.95 -9.84 2.58
C GLU A 258 -13.30 -8.77 1.70
N ARG A 259 -14.01 -7.70 1.37
CA ARG A 259 -13.37 -6.62 0.63
C ARG A 259 -12.46 -5.83 1.57
N PRO A 260 -11.35 -5.32 1.06
CA PRO A 260 -10.39 -4.61 1.93
C PRO A 260 -11.01 -3.34 2.46
N THR A 261 -10.39 -2.79 3.49
CA THR A 261 -10.78 -1.49 3.99
C THR A 261 -10.16 -0.40 3.12
N PHE A 262 -10.70 0.82 3.27
CA PHE A 262 -10.08 1.94 2.55
C PHE A 262 -8.71 2.26 3.12
N GLU A 263 -8.55 2.11 4.43
CA GLU A 263 -7.23 2.20 5.06
C GLU A 263 -6.22 1.33 4.32
N TYR A 264 -6.58 0.08 4.08
CA TYR A 264 -5.72 -0.82 3.31
C TYR A 264 -5.46 -0.26 1.90
N LEU A 265 -6.53 0.11 1.20
CA LEU A 265 -6.39 0.58 -0.17
C LEU A 265 -5.48 1.80 -0.24
N GLN A 266 -5.60 2.72 0.72
CA GLN A 266 -4.76 3.91 0.71
C GLN A 266 -3.29 3.55 0.87
N ALA A 267 -2.97 2.68 1.83
CA ALA A 267 -1.57 2.32 2.05
C ALA A 267 -1.00 1.58 0.85
N PHE A 268 -1.76 0.65 0.29
CA PHE A 268 -1.31 -0.10 -0.88
C PHE A 268 -0.99 0.83 -2.06
N LEU A 269 -1.84 1.84 -2.27
CA LEU A 269 -1.66 2.72 -3.42
C LEU A 269 -0.55 3.74 -3.19
N GLU A 270 -0.39 4.20 -1.95
CA GLU A 270 0.69 5.13 -1.62
C GLU A 270 2.06 4.48 -1.79
N ASP A 271 2.16 3.19 -1.48
CA ASP A 271 3.41 2.45 -1.51
C ASP A 271 3.65 1.74 -2.83
N TYR A 272 2.76 1.92 -3.79
CA TYR A 272 2.63 1.01 -4.92
C TYR A 272 3.94 0.83 -5.68
N PHE A 273 4.63 1.93 -5.99
CA PHE A 273 5.80 1.82 -6.85
C PHE A 273 7.08 1.50 -6.10
N THR A 274 7.02 1.25 -4.80
CA THR A 274 8.13 0.68 -4.06
C THR A 274 7.88 -0.77 -3.65
N SER A 275 6.73 -1.05 -3.06
CA SER A 275 6.45 -2.37 -2.49
C SER A 275 5.88 -3.36 -3.51
N THR A 276 5.17 -2.88 -4.53
CA THR A 276 4.39 -3.75 -5.39
C THR A 276 4.90 -3.81 -6.82
N GLU A 277 5.18 -2.66 -7.44
CA GLU A 277 5.74 -2.60 -8.79
C GLU A 277 6.98 -1.70 -8.79
N PRO A 278 8.07 -2.16 -8.15
CA PRO A 278 9.30 -1.36 -8.12
C PRO A 278 10.03 -1.35 -9.45
N GLN A 279 9.64 -2.17 -10.42
CA GLN A 279 10.25 -2.20 -11.74
C GLN A 279 9.31 -1.69 -12.83
N TYR A 280 8.35 -0.85 -12.45
CA TYR A 280 7.41 -0.28 -13.42
C TYR A 280 8.15 0.38 -14.58
N GLN A 281 7.59 0.22 -15.77
CA GLN A 281 8.09 0.85 -16.98
C GLN A 281 6.92 1.53 -17.70
N PRO A 282 7.08 2.77 -18.14
CA PRO A 282 6.00 3.40 -18.92
C PRO A 282 5.73 2.63 -20.20
N GLY A 283 4.45 2.51 -20.53
CA GLY A 283 4.03 1.85 -21.74
C GLY A 283 3.59 2.84 -22.80
N GLU A 284 2.72 2.38 -23.69
CA GLU A 284 2.20 3.26 -24.73
C GLU A 284 1.21 4.27 -24.17
N ASN A 285 0.44 3.86 -23.16
CA ASN A 285 -0.58 4.74 -22.58
C ASN A 285 -0.56 4.82 -21.06
N LEU A 286 0.02 3.84 -20.35
CA LEU A 286 0.06 3.89 -18.90
C LEU A 286 1.50 3.82 -18.37
N ASP B 11 29.45 -31.24 -7.36
CA ASP B 11 29.89 -31.31 -5.96
C ASP B 11 28.97 -32.19 -5.13
N ALA B 12 28.58 -33.34 -5.69
CA ALA B 12 27.72 -34.30 -5.01
C ALA B 12 26.42 -33.67 -4.52
N TRP B 13 26.00 -32.58 -5.14
CA TRP B 13 24.69 -31.98 -4.91
C TRP B 13 23.84 -32.06 -6.18
N GLU B 14 24.21 -32.92 -7.11
CA GLU B 14 23.53 -33.03 -8.40
C GLU B 14 22.32 -33.94 -8.31
N ILE B 15 21.32 -33.64 -9.12
CA ILE B 15 20.10 -34.43 -9.19
C ILE B 15 19.61 -34.47 -10.63
N PRO B 16 19.11 -35.60 -11.11
CA PRO B 16 18.53 -35.64 -12.46
C PRO B 16 17.51 -34.53 -12.66
N ARG B 17 17.34 -34.12 -13.92
CA ARG B 17 16.35 -33.09 -14.24
C ARG B 17 14.94 -33.63 -14.07
N GLU B 18 14.71 -34.90 -14.43
CA GLU B 18 13.38 -35.47 -14.31
C GLU B 18 12.91 -35.62 -12.87
N SER B 19 13.78 -35.37 -11.90
CA SER B 19 13.38 -35.42 -10.49
C SER B 19 12.71 -34.15 -10.02
N LEU B 20 12.68 -33.10 -10.85
CA LEU B 20 12.07 -31.83 -10.50
C LEU B 20 10.80 -31.63 -11.31
N ARG B 21 9.69 -31.37 -10.63
CA ARG B 21 8.42 -31.06 -11.27
C ARG B 21 8.10 -29.59 -10.99
N LEU B 22 8.19 -28.76 -12.03
CA LEU B 22 7.89 -27.34 -11.89
C LEU B 22 6.39 -27.13 -11.97
N GLU B 23 5.82 -26.58 -10.89
CA GLU B 23 4.38 -26.52 -10.73
C GLU B 23 3.82 -25.11 -10.82
N VAL B 24 4.41 -24.14 -10.13
CA VAL B 24 3.93 -22.76 -10.15
C VAL B 24 5.12 -21.82 -10.26
N LYS B 25 4.99 -20.83 -11.14
CA LYS B 25 5.97 -19.76 -11.21
C LYS B 25 5.66 -18.72 -10.16
N LEU B 26 6.70 -18.28 -9.44
CA LEU B 26 6.54 -17.28 -8.38
C LEU B 26 7.14 -15.92 -8.74
N GLY B 27 8.00 -15.86 -9.74
CA GLY B 27 8.62 -14.60 -10.13
C GLY B 27 9.57 -14.83 -11.26
N GLN B 28 10.09 -13.71 -11.80
CA GLN B 28 11.03 -13.77 -12.91
C GLN B 28 11.85 -12.49 -12.91
N GLY B 29 12.87 -12.47 -13.77
CA GLY B 29 13.76 -11.33 -13.88
C GLY B 29 14.41 -11.22 -15.25
N GLY B 32 16.54 -15.00 -15.17
CA GLY B 32 16.04 -16.23 -14.59
C GLY B 32 14.71 -16.07 -13.89
N GLU B 33 14.08 -17.20 -13.56
CA GLU B 33 12.79 -17.23 -12.86
C GLU B 33 12.87 -18.20 -11.70
N VAL B 34 11.93 -18.06 -10.78
CA VAL B 34 11.86 -18.89 -9.58
C VAL B 34 10.51 -19.59 -9.56
N TRP B 35 10.53 -20.89 -9.26
CA TRP B 35 9.34 -21.72 -9.32
C TRP B 35 9.12 -22.44 -8.00
N MET B 36 7.90 -22.89 -7.79
CA MET B 36 7.55 -23.81 -6.72
C MET B 36 7.20 -25.15 -7.33
N GLY B 37 7.86 -26.21 -6.86
CA GLY B 37 7.60 -27.54 -7.39
C GLY B 37 7.87 -28.64 -6.38
N THR B 38 8.05 -29.86 -6.87
CA THR B 38 8.34 -31.01 -6.04
C THR B 38 9.64 -31.66 -6.48
N TRP B 39 10.34 -32.25 -5.50
CA TRP B 39 11.59 -32.95 -5.75
C TRP B 39 11.42 -34.39 -5.27
N ASN B 40 11.62 -35.34 -6.18
CA ASN B 40 11.40 -36.76 -5.92
C ASN B 40 9.93 -37.07 -5.67
N GLY B 41 9.03 -36.20 -6.12
CA GLY B 41 7.61 -36.41 -5.94
C GLY B 41 7.12 -36.36 -4.50
N THR B 42 7.97 -36.03 -3.54
CA THR B 42 7.59 -36.03 -2.13
C THR B 42 8.02 -34.80 -1.35
N THR B 43 8.81 -33.90 -1.93
CA THR B 43 9.38 -32.78 -1.20
C THR B 43 9.05 -31.48 -1.90
N ARG B 44 8.32 -30.60 -1.20
CA ARG B 44 8.09 -29.26 -1.70
C ARG B 44 9.41 -28.50 -1.77
N VAL B 45 9.60 -27.74 -2.85
CA VAL B 45 10.89 -27.12 -3.11
C VAL B 45 10.67 -25.80 -3.86
N ALA B 46 11.63 -24.89 -3.69
CA ALA B 46 11.72 -23.69 -4.50
C ALA B 46 12.84 -23.89 -5.52
N ILE B 47 12.56 -23.57 -6.78
CA ILE B 47 13.47 -23.84 -7.88
C ILE B 47 13.80 -22.53 -8.58
N LYS B 48 15.09 -22.19 -8.61
CA LYS B 48 15.56 -21.00 -9.30
C LYS B 48 16.22 -21.38 -10.62
N THR B 49 16.02 -20.54 -11.63
CA THR B 49 16.56 -20.76 -12.97
C THR B 49 17.49 -19.62 -13.34
N LEU B 50 18.48 -19.92 -14.17
CA LEU B 50 19.49 -18.95 -14.59
C LEU B 50 19.47 -18.85 -16.11
N LYS B 51 19.00 -17.71 -16.62
CA LYS B 51 18.97 -17.48 -18.06
C LYS B 51 20.36 -17.18 -18.60
N GLN B 62 29.42 -21.47 -8.31
CA GLN B 62 29.93 -20.16 -7.94
C GLN B 62 29.39 -19.73 -6.58
N GLU B 63 28.47 -18.76 -6.60
CA GLU B 63 27.84 -18.33 -5.36
C GLU B 63 27.04 -19.46 -4.73
N ALA B 64 26.53 -20.40 -5.54
CA ALA B 64 25.85 -21.55 -4.98
C ALA B 64 26.80 -22.39 -4.12
N GLN B 65 28.10 -22.37 -4.45
CA GLN B 65 29.07 -23.11 -3.65
C GLN B 65 29.10 -22.60 -2.21
N VAL B 66 28.94 -21.28 -2.02
CA VAL B 66 28.95 -20.73 -0.67
C VAL B 66 27.63 -21.00 0.05
N MET B 67 26.54 -21.28 -0.68
CA MET B 67 25.30 -21.67 -0.02
C MET B 67 25.44 -23.03 0.66
N LYS B 68 26.16 -23.96 0.02
CA LYS B 68 26.46 -25.23 0.67
C LYS B 68 27.34 -25.07 1.89
N LYS B 69 27.90 -23.87 2.12
CA LYS B 69 28.74 -23.60 3.28
C LYS B 69 27.98 -22.92 4.41
N LEU B 70 26.87 -22.24 4.12
CA LEU B 70 26.10 -21.51 5.12
C LEU B 70 24.92 -22.37 5.54
N ARG B 71 25.01 -22.98 6.71
CA ARG B 71 23.94 -23.82 7.25
C ARG B 71 23.49 -23.24 8.58
N HIS B 72 22.25 -22.76 8.63
CA HIS B 72 21.63 -22.25 9.85
C HIS B 72 20.12 -22.32 9.67
N GLU B 73 19.41 -22.62 10.75
CA GLU B 73 17.97 -22.84 10.65
C GLU B 73 17.19 -21.59 10.30
N LYS B 74 17.81 -20.41 10.35
CA LYS B 74 17.15 -19.17 9.95
C LYS B 74 17.69 -18.61 8.64
N LEU B 75 18.32 -19.47 7.83
CA LEU B 75 18.72 -19.15 6.47
C LEU B 75 18.13 -20.20 5.54
N VAL B 76 17.44 -19.76 4.49
CA VAL B 76 16.90 -20.71 3.53
C VAL B 76 18.02 -21.61 3.04
N GLN B 77 17.77 -22.92 3.07
CA GLN B 77 18.82 -23.90 2.84
C GLN B 77 18.84 -24.36 1.39
N LEU B 78 20.05 -24.51 0.85
CA LEU B 78 20.24 -25.04 -0.50
C LEU B 78 20.18 -26.56 -0.47
N TYR B 79 19.31 -27.14 -1.30
CA TYR B 79 19.09 -28.58 -1.32
C TYR B 79 19.91 -29.28 -2.39
N ALA B 80 19.76 -28.88 -3.65
CA ALA B 80 20.37 -29.61 -4.76
C ALA B 80 20.64 -28.66 -5.91
N VAL B 81 21.22 -29.20 -6.98
CA VAL B 81 21.66 -28.39 -8.11
C VAL B 81 21.74 -29.28 -9.35
N VAL B 82 21.51 -28.68 -10.51
CA VAL B 82 21.97 -29.21 -11.79
C VAL B 82 22.87 -28.15 -12.39
N SER B 83 24.13 -28.52 -12.66
CA SER B 83 25.17 -27.53 -12.94
C SER B 83 25.28 -27.17 -14.42
N GLU B 84 24.88 -28.07 -15.31
CA GLU B 84 24.97 -27.80 -16.75
C GLU B 84 23.77 -26.98 -17.20
N GLU B 85 24.02 -26.04 -18.11
CA GLU B 85 22.97 -25.17 -18.63
C GLU B 85 21.89 -25.96 -19.33
N PRO B 86 20.62 -25.56 -19.14
CA PRO B 86 20.23 -24.48 -18.23
C PRO B 86 20.33 -24.92 -16.78
N ILE B 87 20.88 -24.08 -15.93
CA ILE B 87 21.10 -24.44 -14.53
C ILE B 87 19.79 -24.33 -13.76
N TYR B 88 19.65 -25.20 -12.75
CA TYR B 88 18.55 -25.16 -11.80
C TYR B 88 19.13 -25.22 -10.40
N ILE B 89 18.55 -24.42 -9.50
CA ILE B 89 18.99 -24.36 -8.11
C ILE B 89 17.80 -24.72 -7.23
N VAL B 90 17.91 -25.81 -6.49
CA VAL B 90 16.84 -26.34 -5.66
C VAL B 90 17.04 -25.87 -4.23
N MET B 91 16.00 -25.29 -3.63
CA MET B 91 16.12 -24.67 -2.31
C MET B 91 14.90 -24.99 -1.45
N GLU B 92 15.13 -24.94 -0.14
CA GLU B 92 14.04 -25.02 0.83
C GLU B 92 12.93 -24.05 0.46
N TYR B 93 11.69 -24.53 0.52
CA TYR B 93 10.52 -23.75 0.12
C TYR B 93 9.91 -23.07 1.35
N MET B 94 9.70 -21.76 1.23
CA MET B 94 9.04 -20.97 2.26
C MET B 94 7.64 -20.63 1.75
N SER B 95 6.61 -21.18 2.41
CA SER B 95 5.28 -21.25 1.83
C SER B 95 4.52 -19.93 1.84
N LYS B 96 4.94 -18.94 2.62
CA LYS B 96 4.16 -17.72 2.81
C LYS B 96 4.71 -16.52 2.05
N GLY B 97 5.70 -16.71 1.18
CA GLY B 97 6.22 -15.57 0.43
C GLY B 97 7.13 -14.69 1.27
N CYS B 98 7.42 -13.52 0.72
CA CYS B 98 8.32 -12.59 1.39
C CYS B 98 7.62 -11.88 2.54
N LEU B 99 8.40 -11.54 3.56
CA LEU B 99 7.88 -10.85 4.72
C LEU B 99 7.12 -9.59 4.32
N LEU B 100 7.69 -8.82 3.39
CA LEU B 100 7.02 -7.60 2.94
C LEU B 100 5.59 -7.89 2.53
N ASP B 101 5.38 -8.86 1.64
CA ASP B 101 4.03 -9.21 1.20
C ASP B 101 3.21 -9.81 2.33
N PHE B 102 3.84 -10.55 3.24
CA PHE B 102 3.11 -11.12 4.37
C PHE B 102 2.50 -10.02 5.22
N LEU B 103 3.29 -9.01 5.57
CA LEU B 103 2.81 -7.93 6.43
C LEU B 103 1.70 -7.12 5.77
N LYS B 104 1.81 -6.89 4.46
CA LYS B 104 0.84 -6.08 3.74
C LYS B 104 -0.46 -6.81 3.47
N GLY B 105 -0.47 -8.13 3.53
CA GLY B 105 -1.63 -8.91 3.16
C GLY B 105 -2.63 -9.09 4.29
N GLU B 106 -3.44 -10.14 4.17
CA GLU B 106 -4.50 -10.41 5.13
C GLU B 106 -3.96 -10.65 6.54
N MET B 107 -2.69 -11.05 6.68
CA MET B 107 -2.18 -11.41 8.00
C MET B 107 -1.86 -10.17 8.84
N GLY B 108 -1.18 -9.19 8.24
CA GLY B 108 -0.80 -7.97 8.94
C GLY B 108 -1.89 -7.43 9.85
N LYS B 109 -3.15 -7.58 9.45
CA LYS B 109 -4.27 -7.10 10.25
C LYS B 109 -4.26 -7.70 11.65
N TYR B 110 -3.77 -8.93 11.80
CA TYR B 110 -3.88 -9.64 13.06
C TYR B 110 -2.56 -9.76 13.81
N LEU B 111 -1.43 -9.46 13.17
CA LEU B 111 -0.16 -9.45 13.87
C LEU B 111 -0.15 -8.35 14.93
N ARG B 112 0.34 -8.69 16.11
CA ARG B 112 0.57 -7.74 17.18
C ARG B 112 2.04 -7.77 17.55
N LEU B 113 2.44 -6.81 18.40
CA LEU B 113 3.85 -6.68 18.75
C LEU B 113 4.53 -7.98 19.14
N PRO B 114 3.90 -8.90 19.90
CA PRO B 114 4.59 -10.14 20.25
C PRO B 114 5.00 -10.96 19.04
N GLN B 115 4.16 -11.05 18.01
CA GLN B 115 4.51 -11.81 16.82
C GLN B 115 5.58 -11.10 15.99
N LEU B 116 5.50 -9.76 15.92
CA LEU B 116 6.47 -9.01 15.13
C LEU B 116 7.85 -9.04 15.78
N VAL B 117 7.91 -8.92 17.10
CA VAL B 117 9.19 -8.98 17.80
C VAL B 117 9.82 -10.36 17.66
N ASP B 118 9.00 -11.41 17.74
CA ASP B 118 9.53 -12.76 17.55
C ASP B 118 10.06 -12.95 16.14
N MET B 119 9.33 -12.45 15.14
CA MET B 119 9.83 -12.49 13.77
C MET B 119 11.14 -11.74 13.66
N ALA B 120 11.21 -10.54 14.27
CA ALA B 120 12.45 -9.78 14.26
C ALA B 120 13.57 -10.54 14.95
N ALA B 121 13.26 -11.21 16.07
CA ALA B 121 14.26 -12.01 16.77
C ALA B 121 14.82 -13.11 15.87
N GLN B 122 13.95 -13.74 15.08
CA GLN B 122 14.40 -14.79 14.16
C GLN B 122 15.36 -14.23 13.11
N ILE B 123 15.03 -13.07 12.55
CA ILE B 123 15.88 -12.47 11.53
C ILE B 123 17.22 -12.10 12.12
N ALA B 124 17.22 -11.58 13.35
CA ALA B 124 18.48 -11.26 14.03
C ALA B 124 19.32 -12.50 14.24
N SER B 125 18.66 -13.63 14.54
CA SER B 125 19.38 -14.88 14.72
C SER B 125 20.06 -15.31 13.43
N GLY B 126 19.34 -15.25 12.31
CA GLY B 126 19.96 -15.50 11.02
C GLY B 126 21.13 -14.57 10.74
N MET B 127 20.97 -13.28 11.06
CA MET B 127 22.05 -12.33 10.79
C MET B 127 23.17 -12.46 11.82
N ALA B 128 22.87 -12.90 13.04
CA ALA B 128 23.94 -13.24 13.97
C ALA B 128 24.84 -14.33 13.40
N TYR B 129 24.25 -15.30 12.71
CA TYR B 129 25.06 -16.34 12.07
C TYR B 129 25.90 -15.77 10.94
N VAL B 130 25.28 -14.96 10.07
CA VAL B 130 26.03 -14.26 9.03
C VAL B 130 27.19 -13.48 9.65
N GLU B 131 26.88 -12.75 10.72
CA GLU B 131 27.89 -12.01 11.47
C GLU B 131 29.06 -12.90 11.86
N ARG B 132 28.77 -14.03 12.52
CA ARG B 132 29.84 -14.91 13.00
C ARG B 132 30.63 -15.51 11.85
N MET B 133 30.04 -15.65 10.67
CA MET B 133 30.77 -16.17 9.53
C MET B 133 31.56 -15.09 8.79
N ASN B 134 31.52 -13.84 9.28
CA ASN B 134 32.26 -12.74 8.67
C ASN B 134 31.76 -12.44 7.27
N TYR B 135 30.47 -12.61 7.04
CA TYR B 135 29.83 -12.26 5.78
C TYR B 135 29.03 -10.97 5.94
N VAL B 136 28.60 -10.44 4.79
CA VAL B 136 27.80 -9.23 4.72
C VAL B 136 26.63 -9.51 3.78
N HIS B 137 25.40 -9.27 4.25
CA HIS B 137 24.24 -9.51 3.41
C HIS B 137 24.17 -8.50 2.28
N ARG B 138 24.14 -7.21 2.63
CA ARG B 138 24.17 -6.04 1.75
C ARG B 138 22.80 -5.62 1.26
N ASP B 139 21.72 -6.35 1.59
CA ASP B 139 20.40 -5.98 1.08
C ASP B 139 19.26 -6.32 2.05
N LEU B 140 19.50 -6.20 3.35
CA LEU B 140 18.54 -6.67 4.35
C LEU B 140 17.32 -5.76 4.40
N ARG B 141 16.15 -6.33 4.09
CA ARG B 141 14.88 -5.64 4.24
C ARG B 141 13.77 -6.69 4.17
N ALA B 142 12.54 -6.25 4.46
CA ALA B 142 11.41 -7.18 4.54
C ALA B 142 11.24 -7.96 3.24
N ALA B 143 11.47 -7.30 2.10
CA ALA B 143 11.28 -7.96 0.81
C ALA B 143 12.24 -9.13 0.60
N ASN B 144 13.32 -9.21 1.39
CA ASN B 144 14.32 -10.25 1.23
C ASN B 144 14.29 -11.27 2.36
N ILE B 145 13.28 -11.21 3.25
CA ILE B 145 13.02 -12.24 4.24
C ILE B 145 11.85 -13.10 3.74
N LEU B 146 11.94 -14.41 3.95
CA LEU B 146 10.92 -15.34 3.53
C LEU B 146 10.21 -15.92 4.75
N VAL B 147 8.89 -16.08 4.65
CA VAL B 147 8.07 -16.53 5.75
C VAL B 147 7.54 -17.92 5.44
N GLY B 148 7.53 -18.79 6.45
CA GLY B 148 7.01 -20.13 6.30
C GLY B 148 5.84 -20.34 7.23
N GLU B 149 5.55 -21.60 7.55
CA GLU B 149 4.46 -21.89 8.46
C GLU B 149 4.83 -21.47 9.88
N ASN B 150 3.81 -21.15 10.68
CA ASN B 150 3.99 -20.90 12.10
C ASN B 150 4.86 -19.67 12.36
N LEU B 151 4.86 -18.73 11.42
CA LEU B 151 5.58 -17.47 11.53
C LEU B 151 7.09 -17.63 11.48
N VAL B 152 7.58 -18.74 10.92
CA VAL B 152 9.02 -18.91 10.74
C VAL B 152 9.51 -17.93 9.70
N CYS B 153 10.62 -17.25 10.00
CA CYS B 153 11.23 -16.25 9.14
C CYS B 153 12.67 -16.63 8.85
N LYS B 154 13.10 -16.46 7.61
CA LYS B 154 14.47 -16.82 7.26
C LYS B 154 15.06 -15.82 6.27
N VAL B 155 16.35 -15.56 6.43
CA VAL B 155 17.10 -14.75 5.48
C VAL B 155 17.31 -15.55 4.20
N ALA B 156 17.13 -14.88 3.06
CA ALA B 156 17.30 -15.52 1.76
C ALA B 156 18.73 -15.33 1.26
N ASP B 157 18.99 -15.81 0.05
CA ASP B 157 20.32 -15.77 -0.58
C ASP B 157 21.18 -14.59 -0.12
N PRO B 178 17.77 0.58 -3.20
CA PRO B 178 17.16 0.61 -1.87
C PRO B 178 17.90 1.55 -0.93
N ILE B 179 17.95 2.83 -1.29
CA ILE B 179 18.68 3.81 -0.48
C ILE B 179 18.04 3.95 0.90
N LYS B 180 16.71 3.87 0.98
CA LYS B 180 16.02 4.09 2.25
C LYS B 180 16.37 3.04 3.29
N TRP B 181 16.87 1.87 2.89
CA TRP B 181 17.31 0.83 3.79
C TRP B 181 18.83 0.77 3.97
N THR B 182 19.57 1.67 3.33
CA THR B 182 21.02 1.57 3.28
C THR B 182 21.67 2.58 4.24
N ALA B 183 22.70 2.13 4.94
CA ALA B 183 23.41 3.00 5.87
C ALA B 183 24.08 4.15 5.11
N PRO B 184 24.15 5.34 5.70
CA PRO B 184 24.77 6.47 4.99
C PRO B 184 26.18 6.20 4.50
N GLU B 185 27.02 5.54 5.30
CA GLU B 185 28.39 5.31 4.86
C GLU B 185 28.46 4.27 3.74
N ALA B 186 27.45 3.40 3.62
CA ALA B 186 27.42 2.46 2.51
C ALA B 186 26.84 3.11 1.25
N ALA B 187 25.80 3.92 1.41
CA ALA B 187 25.14 4.52 0.26
C ALA B 187 25.99 5.62 -0.37
N LEU B 188 26.81 6.30 0.43
CA LEU B 188 27.65 7.38 -0.05
C LEU B 188 29.06 6.93 -0.44
N TYR B 189 29.67 6.04 0.34
CA TYR B 189 31.08 5.72 0.13
C TYR B 189 31.33 4.24 -0.12
N GLY B 190 30.27 3.43 -0.29
CA GLY B 190 30.44 2.03 -0.60
C GLY B 190 31.00 1.20 0.54
N ARG B 191 30.89 1.68 1.77
CA ARG B 191 31.44 0.98 2.94
C ARG B 191 30.35 0.06 3.49
N PHE B 192 30.21 -1.10 2.86
CA PHE B 192 29.26 -2.12 3.29
C PHE B 192 29.94 -3.05 4.28
N THR B 193 29.41 -3.13 5.50
CA THR B 193 29.91 -4.04 6.52
C THR B 193 28.72 -4.65 7.24
N ILE B 194 29.01 -5.55 8.19
CA ILE B 194 27.94 -6.09 9.01
C ILE B 194 27.23 -4.96 9.74
N LYS B 195 27.94 -3.85 10.01
CA LYS B 195 27.33 -2.72 10.68
C LYS B 195 26.38 -1.93 9.76
N SER B 196 26.58 -1.98 8.44
CA SER B 196 25.58 -1.40 7.57
C SER B 196 24.35 -2.29 7.47
N ASP B 197 24.52 -3.61 7.61
CA ASP B 197 23.35 -4.49 7.76
C ASP B 197 22.58 -4.16 9.02
N VAL B 198 23.27 -3.85 10.11
CA VAL B 198 22.60 -3.50 11.36
C VAL B 198 21.72 -2.27 11.16
N TRP B 199 22.23 -1.27 10.43
CA TRP B 199 21.39 -0.13 10.06
C TRP B 199 20.14 -0.61 9.31
N SER B 200 20.34 -1.48 8.32
CA SER B 200 19.21 -1.99 7.56
C SER B 200 18.23 -2.72 8.47
N PHE B 201 18.73 -3.45 9.46
CA PHE B 201 17.84 -4.12 10.41
C PHE B 201 16.99 -3.11 11.15
N GLY B 202 17.59 -1.99 11.57
CA GLY B 202 16.80 -0.94 12.20
C GLY B 202 15.65 -0.48 11.33
N ILE B 203 15.89 -0.29 10.03
CA ILE B 203 14.82 0.11 9.13
C ILE B 203 13.78 -1.00 9.03
N LEU B 204 14.23 -2.25 8.93
CA LEU B 204 13.31 -3.38 8.89
C LEU B 204 12.41 -3.41 10.11
N LEU B 205 12.94 -3.01 11.28
CA LEU B 205 12.10 -2.95 12.46
C LEU B 205 10.93 -1.99 12.27
N THR B 206 11.11 -0.91 11.49
CA THR B 206 9.99 -0.02 11.22
C THR B 206 9.00 -0.65 10.25
N GLU B 207 9.49 -1.43 9.28
CA GLU B 207 8.60 -2.19 8.42
C GLU B 207 7.73 -3.12 9.25
N LEU B 208 8.34 -3.84 10.20
CA LEU B 208 7.57 -4.72 11.06
C LEU B 208 6.51 -3.95 11.84
N THR B 209 6.92 -2.88 12.53
CA THR B 209 6.00 -2.17 13.40
C THR B 209 4.95 -1.38 12.63
N THR B 210 5.20 -1.04 11.37
CA THR B 210 4.19 -0.41 10.53
C THR B 210 3.41 -1.42 9.70
N LYS B 211 3.74 -2.71 9.81
CA LYS B 211 3.08 -3.75 9.04
C LYS B 211 3.30 -3.56 7.54
N GLY B 212 4.52 -3.16 7.18
CA GLY B 212 4.98 -3.23 5.81
C GLY B 212 5.05 -1.92 5.05
N ARG B 213 4.80 -0.78 5.69
CA ARG B 213 4.85 0.50 5.01
C ARG B 213 6.28 0.83 4.58
N VAL B 214 6.40 1.65 3.55
CA VAL B 214 7.71 2.13 3.08
C VAL B 214 8.27 3.10 4.11
N PRO B 215 9.55 2.98 4.49
CA PRO B 215 10.13 3.93 5.44
C PRO B 215 10.22 5.34 4.85
N TYR B 216 10.43 6.29 5.75
CA TYR B 216 10.48 7.71 5.41
C TYR B 216 9.27 8.11 4.57
N PRO B 217 8.05 7.93 5.10
CA PRO B 217 6.85 8.16 4.30
C PRO B 217 6.79 9.59 3.76
N GLY B 218 6.41 9.69 2.49
CA GLY B 218 6.31 10.98 1.83
C GLY B 218 7.62 11.59 1.37
N MET B 219 8.74 10.91 1.55
CA MET B 219 10.05 11.43 1.18
C MET B 219 10.62 10.64 0.01
N VAL B 220 11.20 11.37 -0.95
CA VAL B 220 11.89 10.74 -2.08
C VAL B 220 13.32 10.43 -1.66
N ASN B 221 14.02 9.61 -2.46
CA ASN B 221 15.35 9.15 -2.09
C ASN B 221 16.29 10.31 -1.79
N ARG B 222 16.34 11.30 -2.68
CA ARG B 222 17.29 12.40 -2.50
C ARG B 222 17.01 13.17 -1.21
N GLU B 223 15.74 13.22 -0.79
CA GLU B 223 15.36 13.92 0.43
C GLU B 223 15.76 13.12 1.67
N VAL B 224 15.60 11.80 1.61
CA VAL B 224 16.07 10.93 2.69
C VAL B 224 17.57 11.10 2.88
N LEU B 225 18.32 11.02 1.78
CA LEU B 225 19.77 11.14 1.84
C LEU B 225 20.20 12.45 2.47
N ASP B 226 19.62 13.56 2.02
CA ASP B 226 19.97 14.86 2.57
C ASP B 226 19.63 14.95 4.05
N GLN B 227 18.43 14.47 4.42
CA GLN B 227 17.96 14.63 5.80
C GLN B 227 18.70 13.71 6.75
N VAL B 228 18.89 12.44 6.37
CA VAL B 228 19.62 11.52 7.23
C VAL B 228 21.06 11.97 7.40
N GLU B 229 21.65 12.56 6.36
CA GLU B 229 22.99 13.13 6.50
C GLU B 229 23.02 14.26 7.51
N ARG B 230 21.92 15.01 7.63
CA ARG B 230 21.82 16.12 8.57
C ARG B 230 21.38 15.67 9.95
N GLY B 231 21.23 14.37 10.18
CA GLY B 231 20.91 13.83 11.49
C GLY B 231 19.49 13.34 11.67
N TYR B 232 18.63 13.48 10.66
CA TYR B 232 17.25 13.04 10.81
C TYR B 232 17.18 11.52 10.99
N ARG B 233 16.25 11.10 11.84
CA ARG B 233 15.90 9.68 11.96
C ARG B 233 14.39 9.58 12.05
N MET B 234 13.86 8.44 11.59
CA MET B 234 12.42 8.24 11.65
C MET B 234 11.95 8.30 13.10
N PRO B 235 10.80 8.90 13.37
CA PRO B 235 10.28 8.96 14.74
C PRO B 235 9.67 7.62 15.13
N CYS B 236 9.17 7.58 16.36
CA CYS B 236 8.57 6.36 16.89
C CYS B 236 7.25 6.07 16.19
N PRO B 237 7.08 4.90 15.57
CA PRO B 237 5.83 4.61 14.88
C PRO B 237 4.67 4.59 15.87
N PRO B 238 3.44 4.81 15.38
CA PRO B 238 2.29 4.78 16.28
C PRO B 238 2.18 3.47 17.03
N GLU B 239 1.89 3.56 18.33
CA GLU B 239 1.72 2.43 19.24
C GLU B 239 3.01 1.64 19.45
N CYS B 240 4.12 2.02 18.82
CA CYS B 240 5.38 1.34 19.07
C CYS B 240 5.97 1.82 20.40
N PRO B 241 6.29 0.91 21.32
CA PRO B 241 6.89 1.34 22.59
C PRO B 241 8.19 2.09 22.36
N GLU B 242 8.45 3.06 23.23
CA GLU B 242 9.70 3.83 23.17
C GLU B 242 10.92 2.91 23.17
N SER B 243 10.89 1.86 23.99
CA SER B 243 12.07 1.02 24.13
C SER B 243 12.46 0.34 22.82
N LEU B 244 11.47 0.03 21.97
CA LEU B 244 11.78 -0.55 20.68
C LEU B 244 12.28 0.50 19.70
N HIS B 245 11.73 1.72 19.77
CA HIS B 245 12.27 2.80 18.95
C HIS B 245 13.69 3.15 19.37
N ASP B 246 14.00 3.06 20.66
CA ASP B 246 15.38 3.25 21.10
CA ASP B 246 15.37 3.24 21.10
C ASP B 246 16.29 2.23 20.45
N LEU B 247 15.84 0.98 20.31
CA LEU B 247 16.65 -0.04 19.66
C LEU B 247 16.86 0.30 18.19
N MET B 248 15.83 0.83 17.52
CA MET B 248 16.00 1.32 16.17
C MET B 248 17.08 2.38 16.12
N CYS B 249 17.03 3.34 17.05
CA CYS B 249 18.00 4.43 17.04
C CYS B 249 19.41 3.95 17.30
N GLN B 250 19.57 2.90 18.12
CA GLN B 250 20.91 2.31 18.30
C GLN B 250 21.44 1.77 16.98
N CYS B 251 20.57 1.13 16.20
CA CYS B 251 20.95 0.61 14.89
C CYS B 251 21.29 1.74 13.93
N TRP B 252 20.78 2.94 14.17
CA TRP B 252 20.97 4.07 13.27
C TRP B 252 22.03 5.06 13.76
N ARG B 253 22.89 4.64 14.70
CA ARG B 253 23.96 5.51 15.13
C ARG B 253 24.83 5.90 13.94
N LYS B 254 25.31 7.15 13.94
CA LYS B 254 26.11 7.61 12.82
C LYS B 254 27.42 6.85 12.71
N ASP B 255 28.07 6.58 13.84
CA ASP B 255 29.33 5.84 13.81
C ASP B 255 29.05 4.34 13.78
N PRO B 256 29.43 3.63 12.72
CA PRO B 256 28.99 2.23 12.57
C PRO B 256 29.49 1.33 13.68
N GLU B 257 30.66 1.61 14.24
CA GLU B 257 31.23 0.75 15.28
C GLU B 257 30.45 0.82 16.59
N GLU B 258 29.60 1.84 16.75
CA GLU B 258 28.78 1.95 17.95
C GLU B 258 27.43 1.25 17.82
N ARG B 259 27.06 0.83 16.61
CA ARG B 259 25.84 0.06 16.45
C ARG B 259 26.04 -1.33 17.07
N PRO B 260 24.98 -1.90 17.64
CA PRO B 260 25.14 -3.20 18.32
C PRO B 260 25.36 -4.33 17.33
N THR B 261 25.82 -5.46 17.85
CA THR B 261 25.94 -6.66 17.05
C THR B 261 24.56 -7.31 16.88
N PHE B 262 24.48 -8.24 15.92
CA PHE B 262 23.24 -8.99 15.77
C PHE B 262 23.03 -9.95 16.94
N GLU B 263 24.12 -10.46 17.51
CA GLU B 263 24.06 -11.22 18.75
C GLU B 263 23.28 -10.44 19.81
N TYR B 264 23.66 -9.18 20.03
CA TYR B 264 22.95 -8.35 21.01
C TYR B 264 21.48 -8.20 20.62
N LEU B 265 21.21 -7.78 19.39
CA LEU B 265 19.82 -7.53 18.97
C LEU B 265 18.96 -8.77 19.18
N GLN B 266 19.48 -9.95 18.82
CA GLN B 266 18.74 -11.18 19.03
C GLN B 266 18.33 -11.34 20.49
N ALA B 267 19.30 -11.23 21.41
CA ALA B 267 19.01 -11.46 22.81
C ALA B 267 17.99 -10.46 23.34
N PHE B 268 18.17 -9.17 23.00
CA PHE B 268 17.22 -8.15 23.41
C PHE B 268 15.80 -8.46 22.94
N LEU B 269 15.65 -8.96 21.72
CA LEU B 269 14.31 -9.19 21.18
C LEU B 269 13.70 -10.49 21.72
N GLU B 270 14.53 -11.51 21.97
CA GLU B 270 14.02 -12.75 22.55
C GLU B 270 13.46 -12.51 23.95
N ASP B 271 14.09 -11.61 24.72
CA ASP B 271 13.76 -11.34 26.12
C ASP B 271 12.77 -10.19 26.29
N TYR B 272 12.25 -9.66 25.19
CA TYR B 272 11.66 -8.31 25.20
C TYR B 272 10.52 -8.19 26.20
N PHE B 273 9.61 -9.17 26.24
CA PHE B 273 8.41 -9.00 27.04
C PHE B 273 8.58 -9.42 28.49
N THR B 274 9.76 -9.88 28.89
CA THR B 274 10.08 -10.08 30.30
C THR B 274 11.00 -8.99 30.84
N SER B 275 12.10 -8.71 30.12
CA SER B 275 13.14 -7.83 30.62
C SER B 275 12.89 -6.36 30.32
N THR B 276 12.17 -6.05 29.24
CA THR B 276 12.07 -4.69 28.75
C THR B 276 10.66 -4.12 28.82
N GLU B 277 9.65 -4.86 28.38
CA GLU B 277 8.25 -4.43 28.45
C GLU B 277 7.44 -5.51 29.16
N PRO B 278 7.67 -5.73 30.45
CA PRO B 278 6.90 -6.75 31.17
C PRO B 278 5.44 -6.38 31.39
N GLN B 279 5.05 -5.14 31.12
CA GLN B 279 3.67 -4.69 31.30
C GLN B 279 3.01 -4.35 29.96
N TYR B 280 3.46 -4.96 28.88
CA TYR B 280 2.87 -4.70 27.58
C TYR B 280 1.38 -5.05 27.59
N GLN B 281 0.59 -4.22 26.92
CA GLN B 281 -0.83 -4.49 26.73
C GLN B 281 -1.19 -4.24 25.27
N PRO B 282 -1.90 -5.16 24.63
CA PRO B 282 -2.31 -4.93 23.24
C PRO B 282 -3.06 -3.62 23.08
N GLY B 283 -2.84 -2.96 21.96
CA GLY B 283 -3.56 -1.76 21.62
C GLY B 283 -4.44 -1.95 20.40
N GLU B 284 -4.68 -0.87 19.65
CA GLU B 284 -5.52 -0.98 18.46
C GLU B 284 -4.82 -1.74 17.34
N ASN B 285 -3.51 -1.53 17.18
CA ASN B 285 -2.76 -2.14 16.08
C ASN B 285 -1.54 -2.95 16.52
N LEU B 286 -0.96 -2.68 17.68
CA LEU B 286 0.21 -3.44 18.13
C LEU B 286 0.03 -3.95 19.55
#